data_3IOY
#
_entry.id   3IOY
#
_cell.length_a   51.683
_cell.length_b   100.753
_cell.length_c   63.463
_cell.angle_alpha   90.000
_cell.angle_beta   101.910
_cell.angle_gamma   90.000
#
_symmetry.space_group_name_H-M   'P 1 21 1'
#
loop_
_entity.id
_entity.type
_entity.pdbx_description
1 polymer 'Short-chain dehydrogenase/reductase SDR'
2 water water
#
_entity_poly.entity_id   1
_entity_poly.type   'polypeptide(L)'
_entity_poly.pdbx_seq_one_letter_code
;MSLKDFAGRTAFVTGGANGVGIGLVRQLLNQGCKVAIADIRQDSIDKALATLEAEGSGPEVMGVQLDVASREGFKMAADE
VEARFGPVSILCNNAGVNLFQPIEESSYDDWDWLLGVNLHGVVNGVTTFVPRMVERVKAGEQKGGHVVNTASMAAFLAAG
SPGIYNTTKFAVRGLSESLHYSLLKYEIGVSVLCPGLVKSYIYASDDIRPDALKGEVKPVDKTAVERLAGVHEFGMEPDV
IGARVIEAMKANRLHIFSHPDHKEELREVFDEIIAEYQDYPKDPGYDQRVAFEKFRADSFAEARRQSRAADEGHHHHHH
;
_entity_poly.pdbx_strand_id   A,B
#
# COMPACT_ATOMS: atom_id res chain seq x y z
N LEU A 3 -0.82 11.32 24.08
CA LEU A 3 -0.68 12.77 23.75
C LEU A 3 -1.49 13.60 24.76
N LYS A 4 -0.78 14.13 25.75
CA LYS A 4 -1.41 14.92 26.80
C LYS A 4 -1.28 16.40 26.46
N ASP A 5 -2.43 17.09 26.50
CA ASP A 5 -2.57 18.54 26.20
C ASP A 5 -2.14 18.98 24.79
N PHE A 6 -3.02 19.71 24.13
CA PHE A 6 -2.75 20.20 22.79
C PHE A 6 -2.31 21.66 22.83
N ALA A 7 -2.63 22.33 23.93
CA ALA A 7 -2.32 23.76 24.11
C ALA A 7 -0.84 24.07 23.90
N GLY A 8 -0.57 25.13 23.14
CA GLY A 8 0.78 25.54 22.83
C GLY A 8 1.53 24.65 21.82
N ARG A 9 0.84 23.67 21.24
CA ARG A 9 1.43 22.85 20.17
C ARG A 9 1.13 23.48 18.81
N THR A 10 2.04 23.27 17.86
CA THR A 10 1.83 23.74 16.49
C THR A 10 1.54 22.55 15.57
N ALA A 11 0.48 22.69 14.79
CA ALA A 11 0.08 21.65 13.85
C ALA A 11 0.15 22.14 12.39
N PHE A 12 0.46 21.20 11.49
CA PHE A 12 0.59 21.46 10.05
C PHE A 12 -0.35 20.46 9.34
N VAL A 13 -1.32 20.97 8.58
CA VAL A 13 -2.36 20.13 7.96
C VAL A 13 -2.35 20.34 6.45
N THR A 14 -2.06 19.28 5.69
CA THR A 14 -2.03 19.39 4.23
C THR A 14 -3.42 19.09 3.75
N GLY A 15 -3.78 19.65 2.60
CA GLY A 15 -5.17 19.63 2.19
C GLY A 15 -6.06 20.25 3.25
N GLY A 16 -5.55 21.28 3.94
CA GLY A 16 -6.22 21.81 5.10
C GLY A 16 -7.34 22.79 4.77
N ALA A 17 -7.50 23.11 3.48
CA ALA A 17 -8.36 24.23 3.09
C ALA A 17 -9.85 23.90 3.07
N ASN A 18 -10.19 22.64 2.79
CA ASN A 18 -11.58 22.16 2.98
C ASN A 18 -11.67 20.66 3.09
N GLY A 19 -12.89 20.13 3.02
CA GLY A 19 -13.14 18.71 3.19
C GLY A 19 -12.71 18.22 4.57
N VAL A 20 -12.20 17.00 4.63
CA VAL A 20 -11.71 16.45 5.90
C VAL A 20 -10.74 17.44 6.57
N GLY A 21 -9.93 18.10 5.74
CA GLY A 21 -8.85 18.97 6.19
C GLY A 21 -9.32 20.14 7.03
N ILE A 22 -10.38 20.82 6.61
CA ILE A 22 -10.82 21.99 7.35
C ILE A 22 -11.40 21.57 8.70
N GLY A 23 -12.03 20.40 8.72
CA GLY A 23 -12.54 19.79 9.95
C GLY A 23 -11.41 19.48 10.92
N LEU A 24 -10.31 18.93 10.43
CA LEU A 24 -9.17 18.68 11.29
C LEU A 24 -8.63 19.99 11.87
N VAL A 25 -8.43 20.99 11.02
CA VAL A 25 -7.92 22.30 11.43
C VAL A 25 -8.80 22.92 12.52
N ARG A 26 -10.11 22.95 12.28
CA ARG A 26 -11.06 23.53 13.23
C ARG A 26 -11.00 22.86 14.59
N GLN A 27 -10.88 21.54 14.61
CA GLN A 27 -10.93 20.77 15.84
C GLN A 27 -9.62 20.88 16.61
N LEU A 28 -8.52 20.98 15.88
CA LEU A 28 -7.22 21.23 16.48
C LEU A 28 -7.18 22.63 17.13
N LEU A 29 -7.76 23.61 16.43
CA LEU A 29 -7.90 24.97 16.94
C LEU A 29 -8.71 24.95 18.24
N ASN A 30 -9.86 24.28 18.20
CA ASN A 30 -10.70 24.01 19.36
C ASN A 30 -9.96 23.29 20.52
N GLN A 31 -8.83 22.64 20.24
CA GLN A 31 -7.95 22.11 21.30
C GLN A 31 -6.85 23.08 21.76
N GLY A 32 -6.83 24.29 21.21
CA GLY A 32 -5.81 25.28 21.56
C GLY A 32 -4.50 25.21 20.79
N CYS A 33 -4.51 24.57 19.62
CA CYS A 33 -3.31 24.48 18.77
C CYS A 33 -3.21 25.70 17.90
N LYS A 34 -1.98 26.05 17.54
CA LYS A 34 -1.72 26.94 16.42
C LYS A 34 -1.67 26.02 15.22
N VAL A 35 -2.38 26.36 14.16
CA VAL A 35 -2.40 25.48 12.98
C VAL A 35 -1.99 26.20 11.69
N ALA A 36 -1.15 25.55 10.89
CA ALA A 36 -0.86 26.01 9.54
C ALA A 36 -1.63 25.15 8.53
N ILE A 37 -2.44 25.82 7.71
CA ILE A 37 -3.12 25.18 6.59
C ILE A 37 -2.18 25.17 5.36
N ALA A 38 -1.88 23.97 4.87
CA ALA A 38 -1.05 23.80 3.69
C ALA A 38 -1.93 23.26 2.58
N ASP A 39 -1.89 23.90 1.43
CA ASP A 39 -2.74 23.49 0.33
C ASP A 39 -2.15 23.97 -0.99
N ILE A 40 -2.56 23.28 -2.06
CA ILE A 40 -2.06 23.52 -3.41
C ILE A 40 -2.57 24.86 -3.99
N ARG A 41 -3.80 25.24 -3.67
CA ARG A 41 -4.40 26.46 -4.24
C ARG A 41 -4.42 27.60 -3.23
N GLN A 42 -3.82 28.74 -3.60
CA GLN A 42 -3.85 29.94 -2.73
C GLN A 42 -5.29 30.42 -2.46
N ASP A 43 -6.12 30.36 -3.50
CA ASP A 43 -7.54 30.73 -3.43
C ASP A 43 -8.35 29.97 -2.37
N SER A 44 -8.22 28.63 -2.35
CA SER A 44 -8.82 27.82 -1.28
C SER A 44 -8.29 28.19 0.12
N ILE A 45 -6.98 28.43 0.25
CA ILE A 45 -6.40 28.83 1.55
C ILE A 45 -6.98 30.16 2.07
N ASP A 46 -7.04 31.17 1.20
CA ASP A 46 -7.57 32.49 1.56
C ASP A 46 -9.02 32.44 2.06
N LYS A 47 -9.83 31.62 1.41
CA LYS A 47 -11.23 31.44 1.84
C LYS A 47 -11.35 30.66 3.16
N ALA A 48 -10.44 29.72 3.39
CA ALA A 48 -10.44 28.97 4.64
C ALA A 48 -10.04 29.90 5.76
N LEU A 49 -8.98 30.68 5.53
CA LEU A 49 -8.54 31.67 6.50
C LEU A 49 -9.63 32.72 6.78
N ALA A 50 -10.31 33.17 5.74
CA ALA A 50 -11.39 34.16 5.87
C ALA A 50 -12.45 33.70 6.86
N THR A 51 -12.88 32.45 6.73
CA THR A 51 -14.00 31.95 7.52
C THR A 51 -13.60 31.46 8.91
N LEU A 52 -12.35 31.02 9.06
CA LEU A 52 -11.80 30.77 10.40
C LEU A 52 -11.57 32.06 11.20
N GLU A 53 -11.18 33.15 10.51
CA GLU A 53 -11.11 34.49 11.11
C GLU A 53 -12.48 34.98 11.58
N ALA A 54 -13.49 34.75 10.74
CA ALA A 54 -14.88 35.00 11.08
C ALA A 54 -15.35 34.15 12.26
N GLU A 55 -14.74 32.98 12.45
CA GLU A 55 -15.04 32.11 13.61
C GLU A 55 -14.33 32.58 14.88
N GLY A 56 -13.32 33.43 14.73
CA GLY A 56 -12.60 34.02 15.86
C GLY A 56 -11.21 33.45 16.11
N SER A 57 -10.72 32.60 15.22
CA SER A 57 -9.45 31.88 15.45
C SER A 57 -8.22 32.56 14.84
N GLY A 58 -8.48 33.69 14.19
CA GLY A 58 -7.48 34.50 13.47
C GLY A 58 -6.00 34.43 13.83
N PRO A 59 -5.63 34.84 15.07
CA PRO A 59 -4.22 34.82 15.50
C PRO A 59 -3.60 33.43 15.63
N GLU A 60 -4.40 32.36 15.52
CA GLU A 60 -3.89 30.99 15.73
C GLU A 60 -3.70 30.20 14.43
N VAL A 61 -4.12 30.78 13.31
CA VAL A 61 -3.99 30.11 12.00
C VAL A 61 -3.18 30.91 10.99
N MET A 62 -2.47 30.17 10.14
CA MET A 62 -1.77 30.74 8.98
C MET A 62 -1.94 29.78 7.79
N GLY A 63 -1.58 30.27 6.62
CA GLY A 63 -1.71 29.52 5.38
C GLY A 63 -0.36 29.47 4.68
N VAL A 64 -0.10 28.36 4.01
CA VAL A 64 1.10 28.23 3.20
C VAL A 64 0.75 27.43 1.96
N GLN A 65 1.01 28.03 0.79
CA GLN A 65 0.74 27.39 -0.47
C GLN A 65 1.79 26.28 -0.63
N LEU A 66 1.33 25.06 -0.96
CA LEU A 66 2.25 23.92 -1.04
C LEU A 66 1.73 22.82 -1.96
N ASP A 67 2.60 22.34 -2.83
CA ASP A 67 2.39 21.10 -3.58
C ASP A 67 3.11 20.01 -2.80
N VAL A 68 2.33 19.12 -2.20
CA VAL A 68 2.92 18.11 -1.30
C VAL A 68 3.83 17.14 -2.03
N ALA A 69 3.67 17.07 -3.35
CA ALA A 69 4.52 16.22 -4.16
C ALA A 69 5.96 16.75 -4.24
N SER A 70 6.18 18.01 -3.88
CA SER A 70 7.53 18.62 -3.98
C SER A 70 8.36 18.49 -2.68
N ARG A 71 9.47 17.76 -2.70
CA ARG A 71 10.26 17.66 -1.48
C ARG A 71 10.82 19.02 -1.06
N GLU A 72 11.41 19.71 -2.05
CA GLU A 72 11.87 21.08 -1.86
C GLU A 72 10.78 22.01 -1.27
N GLY A 73 9.62 22.00 -1.91
CA GLY A 73 8.48 22.81 -1.47
C GLY A 73 8.08 22.50 -0.03
N PHE A 74 8.02 21.20 0.30
CA PHE A 74 7.63 20.77 1.66
C PHE A 74 8.66 21.28 2.71
N LYS A 75 9.95 21.18 2.43
CA LYS A 75 10.97 21.73 3.35
C LYS A 75 10.80 23.25 3.57
N MET A 76 10.66 23.97 2.46
CA MET A 76 10.50 25.43 2.52
C MET A 76 9.27 25.81 3.34
N ALA A 77 8.14 25.14 3.06
CA ALA A 77 6.90 25.38 3.82
C ALA A 77 7.02 25.06 5.33
N ALA A 78 7.69 23.97 5.68
CA ALA A 78 7.96 23.58 7.08
C ALA A 78 8.80 24.65 7.81
N ASP A 79 9.90 25.05 7.18
CA ASP A 79 10.76 26.13 7.69
C ASP A 79 9.96 27.41 7.90
N GLU A 80 9.15 27.82 6.93
CA GLU A 80 8.32 29.00 7.10
C GLU A 80 7.39 28.89 8.34
N VAL A 81 6.60 27.82 8.42
CA VAL A 81 5.66 27.63 9.54
C VAL A 81 6.40 27.58 10.88
N GLU A 82 7.54 26.88 10.93
CA GLU A 82 8.30 26.77 12.18
C GLU A 82 8.98 28.08 12.57
N ALA A 83 9.21 28.94 11.59
CA ALA A 83 9.73 30.27 11.88
C ALA A 83 8.64 31.13 12.47
N ARG A 84 7.42 30.99 11.97
CA ARG A 84 6.34 31.82 12.44
C ARG A 84 5.65 31.32 13.71
N PHE A 85 5.35 30.01 13.78
CA PHE A 85 4.56 29.45 14.88
C PHE A 85 5.38 28.51 15.77
N GLY A 86 6.64 28.29 15.44
CA GLY A 86 7.48 27.44 16.27
C GLY A 86 7.41 25.98 15.86
N PRO A 87 8.18 25.12 16.55
CA PRO A 87 8.26 23.73 16.16
C PRO A 87 6.88 23.04 16.02
N VAL A 88 6.74 22.31 14.93
CA VAL A 88 5.52 21.52 14.68
C VAL A 88 5.62 20.16 15.36
N SER A 89 4.63 19.81 16.17
CA SER A 89 4.61 18.50 16.78
C SER A 89 3.40 17.66 16.35
N ILE A 90 2.46 18.27 15.61
CA ILE A 90 1.33 17.52 15.02
C ILE A 90 1.32 17.69 13.49
N LEU A 91 1.37 16.57 12.78
CA LEU A 91 1.36 16.60 11.30
C LEU A 91 0.20 15.78 10.79
N CYS A 92 -0.69 16.41 10.03
CA CYS A 92 -1.76 15.69 9.37
C CYS A 92 -1.48 15.73 7.88
N ASN A 93 -1.03 14.58 7.34
CA ASN A 93 -0.82 14.42 5.88
C ASN A 93 -2.16 14.04 5.29
N ASN A 94 -2.94 15.04 4.97
CA ASN A 94 -4.31 14.82 4.57
C ASN A 94 -4.58 15.09 3.07
N ALA A 95 -3.62 15.67 2.35
CA ALA A 95 -3.79 15.95 0.91
C ALA A 95 -4.05 14.66 0.13
N GLY A 96 -4.87 14.73 -0.91
CA GLY A 96 -5.22 13.52 -1.65
C GLY A 96 -5.94 13.87 -2.95
N VAL A 97 -5.78 13.02 -3.96
CA VAL A 97 -6.57 13.15 -5.20
C VAL A 97 -7.06 11.79 -5.62
N ASN A 98 -8.06 11.77 -6.48
CA ASN A 98 -8.65 10.53 -6.94
C ASN A 98 -8.89 10.59 -8.45
N LEU A 99 -9.08 9.41 -9.01
CA LEU A 99 -9.31 9.21 -10.44
C LEU A 99 -10.02 7.88 -10.57
N PHE A 100 -11.26 7.91 -11.04
CA PHE A 100 -12.04 6.69 -11.06
C PHE A 100 -11.81 5.90 -12.36
N GLN A 101 -10.89 4.95 -12.32
CA GLN A 101 -10.43 4.23 -13.53
C GLN A 101 -9.77 2.98 -13.04
N PRO A 102 -9.90 1.88 -13.82
CA PRO A 102 -9.20 0.66 -13.47
C PRO A 102 -7.75 0.85 -13.91
N ILE A 103 -6.84 0.04 -13.40
CA ILE A 103 -5.44 0.24 -13.73
C ILE A 103 -5.09 0.05 -15.22
N GLU A 104 -5.64 -1.00 -15.84
CA GLU A 104 -5.34 -1.28 -17.26
C GLU A 104 -5.75 -0.11 -18.19
N GLU A 105 -6.56 0.82 -17.69
CA GLU A 105 -6.97 2.02 -18.45
C GLU A 105 -6.19 3.28 -18.03
N SER A 106 -5.22 3.10 -17.13
CA SER A 106 -4.46 4.20 -16.58
C SER A 106 -3.10 4.36 -17.19
N SER A 107 -2.72 5.61 -17.44
CA SER A 107 -1.44 5.94 -18.05
C SER A 107 -0.34 6.17 -17.02
N TYR A 108 0.92 6.18 -17.48
CA TYR A 108 2.03 6.58 -16.62
C TYR A 108 1.89 7.98 -16.01
N ASP A 109 1.40 8.94 -16.81
CA ASP A 109 1.01 10.25 -16.27
C ASP A 109 -0.02 10.17 -15.12
N ASP A 110 -1.02 9.29 -15.23
CA ASP A 110 -2.01 9.08 -14.15
C ASP A 110 -1.36 8.53 -12.85
N TRP A 111 -0.48 7.53 -13.01
CA TRP A 111 0.30 6.97 -11.87
C TRP A 111 1.17 8.05 -11.20
N ASP A 112 1.87 8.84 -12.01
CA ASP A 112 2.72 9.91 -11.50
C ASP A 112 1.96 10.98 -10.74
N TRP A 113 0.80 11.36 -11.25
CA TRP A 113 0.01 12.36 -10.59
C TRP A 113 -0.52 11.85 -9.24
N LEU A 114 -1.11 10.66 -9.23
CA LEU A 114 -1.69 10.15 -7.99
C LEU A 114 -0.65 9.72 -6.96
N LEU A 115 0.44 9.09 -7.40
CA LEU A 115 1.54 8.73 -6.51
C LEU A 115 2.19 9.96 -5.86
N GLY A 116 2.42 11.00 -6.66
CA GLY A 116 2.97 12.27 -6.15
C GLY A 116 2.17 12.88 -5.01
N VAL A 117 0.87 13.06 -5.19
CA VAL A 117 0.02 13.66 -4.15
C VAL A 117 -0.20 12.65 -3.00
N ASN A 118 -0.67 11.44 -3.34
CA ASN A 118 -1.20 10.52 -2.30
C ASN A 118 -0.10 9.77 -1.56
N LEU A 119 0.95 9.36 -2.25
CA LEU A 119 2.00 8.59 -1.60
C LEU A 119 3.21 9.49 -1.27
N HIS A 120 3.74 10.17 -2.27
CA HIS A 120 4.88 11.04 -2.04
C HIS A 120 4.59 12.14 -1.05
N GLY A 121 3.39 12.69 -1.11
CA GLY A 121 2.97 13.73 -0.16
C GLY A 121 3.13 13.29 1.30
N VAL A 122 2.85 12.01 1.54
CA VAL A 122 2.92 11.47 2.87
C VAL A 122 4.37 11.18 3.19
N VAL A 123 5.10 10.61 2.22
CA VAL A 123 6.56 10.35 2.37
C VAL A 123 7.29 11.67 2.68
N ASN A 124 6.91 12.70 1.93
CA ASN A 124 7.58 13.99 2.02
C ASN A 124 7.25 14.66 3.36
N GLY A 125 5.98 14.60 3.77
CA GLY A 125 5.55 15.11 5.09
C GLY A 125 6.32 14.42 6.20
N VAL A 126 6.28 13.10 6.17
CA VAL A 126 6.98 12.32 7.16
C VAL A 126 8.49 12.62 7.15
N THR A 127 9.10 12.65 5.98
CA THR A 127 10.55 12.83 5.87
C THR A 127 10.98 14.26 6.26
N THR A 128 10.11 15.24 6.00
CA THR A 128 10.41 16.64 6.36
C THR A 128 10.33 16.87 7.88
N PHE A 129 9.33 16.27 8.52
CA PHE A 129 8.97 16.66 9.88
C PHE A 129 9.39 15.68 10.96
N VAL A 130 9.26 14.39 10.69
CA VAL A 130 9.49 13.35 11.72
C VAL A 130 10.93 13.35 12.26
N PRO A 131 11.94 13.44 11.37
CA PRO A 131 13.33 13.47 11.85
C PRO A 131 13.61 14.72 12.70
N ARG A 132 12.95 15.84 12.40
CA ARG A 132 13.00 17.01 13.26
C ARG A 132 12.40 16.67 14.62
N MET A 133 11.20 16.07 14.62
CA MET A 133 10.53 15.71 15.87
C MET A 133 11.43 14.79 16.70
N VAL A 134 12.00 13.78 16.06
CA VAL A 134 12.81 12.80 16.74
C VAL A 134 14.05 13.48 17.36
N GLU A 135 14.63 14.43 16.63
CA GLU A 135 15.80 15.18 17.14
C GLU A 135 15.43 16.00 18.36
N ARG A 136 14.29 16.70 18.30
CA ARG A 136 13.81 17.46 19.44
C ARG A 136 13.44 16.62 20.67
N VAL A 137 12.96 15.39 20.44
CA VAL A 137 12.61 14.49 21.54
C VAL A 137 13.87 13.97 22.24
N LYS A 138 14.81 13.46 21.46
CA LYS A 138 16.12 13.05 21.97
C LYS A 138 16.85 14.17 22.70
N ALA A 139 16.55 15.42 22.36
CA ALA A 139 17.17 16.58 22.98
C ALA A 139 16.44 17.07 24.23
N GLY A 140 15.31 16.45 24.56
CA GLY A 140 14.46 16.94 25.65
C GLY A 140 13.75 18.24 25.31
N GLU A 141 13.75 18.63 24.04
CA GLU A 141 13.08 19.88 23.63
C GLU A 141 11.62 19.69 23.23
N GLN A 142 11.21 18.44 22.99
CA GLN A 142 9.81 18.13 22.67
C GLN A 142 9.40 16.91 23.45
N LYS A 143 8.18 16.93 23.97
CA LYS A 143 7.60 15.75 24.57
C LYS A 143 6.28 15.39 23.89
N GLY A 144 6.24 14.27 23.20
CA GLY A 144 5.00 13.80 22.57
C GLY A 144 4.77 14.51 21.24
N GLY A 145 3.74 14.07 20.52
CA GLY A 145 3.44 14.60 19.19
C GLY A 145 2.68 13.52 18.43
N HIS A 146 2.15 13.85 17.25
CA HIS A 146 1.35 12.88 16.49
C HIS A 146 1.46 13.09 14.97
N VAL A 147 1.32 12.00 14.22
CA VAL A 147 1.23 12.06 12.74
C VAL A 147 -0.09 11.36 12.40
N VAL A 148 -0.99 12.07 11.73
CA VAL A 148 -2.20 11.45 11.19
C VAL A 148 -2.09 11.47 9.66
N ASN A 149 -2.23 10.29 9.04
CA ASN A 149 -2.19 10.20 7.55
C ASN A 149 -3.56 9.78 7.07
N THR A 150 -4.15 10.57 6.18
CA THR A 150 -5.48 10.24 5.70
C THR A 150 -5.34 9.19 4.61
N ALA A 151 -5.69 7.94 4.90
CA ALA A 151 -5.90 6.95 3.85
C ALA A 151 -7.41 6.92 3.49
N SER A 152 -8.08 5.80 3.63
CA SER A 152 -9.44 5.63 3.11
C SER A 152 -9.87 4.20 3.47
N MET A 153 -11.16 3.85 3.43
CA MET A 153 -11.53 2.42 3.42
C MET A 153 -11.00 1.63 2.19
N ALA A 154 -10.63 2.39 1.15
CA ALA A 154 -9.88 1.84 0.01
C ALA A 154 -8.52 1.26 0.44
N ALA A 155 -8.04 1.54 1.67
CA ALA A 155 -6.85 0.84 2.17
C ALA A 155 -7.13 -0.59 2.67
N PHE A 156 -8.39 -1.02 2.63
CA PHE A 156 -8.80 -2.36 2.99
C PHE A 156 -9.68 -2.98 1.91
N LEU A 157 -10.52 -2.17 1.31
CA LEU A 157 -11.57 -2.72 0.43
C LEU A 157 -11.22 -2.24 -0.97
N ALA A 158 -10.56 -3.10 -1.76
CA ALA A 158 -10.06 -2.67 -3.09
C ALA A 158 -10.84 -3.40 -4.17
N ALA A 159 -11.64 -2.66 -4.92
CA ALA A 159 -12.33 -3.21 -6.11
C ALA A 159 -11.55 -2.79 -7.38
N GLY A 160 -12.16 -3.01 -8.54
CA GLY A 160 -11.55 -2.65 -9.82
C GLY A 160 -11.13 -1.22 -10.00
N SER A 161 -12.06 -0.28 -9.71
CA SER A 161 -11.75 1.14 -9.74
C SER A 161 -12.02 1.63 -8.33
N PRO A 162 -11.31 2.67 -7.86
CA PRO A 162 -10.21 3.39 -8.52
C PRO A 162 -8.85 2.71 -8.24
N GLY A 163 -8.28 2.08 -9.25
CA GLY A 163 -7.13 1.16 -9.04
C GLY A 163 -5.86 1.82 -8.48
N ILE A 164 -5.44 2.89 -9.13
CA ILE A 164 -4.25 3.63 -8.65
C ILE A 164 -4.53 4.23 -7.24
N TYR A 165 -5.66 4.88 -7.07
CA TYR A 165 -6.05 5.35 -5.73
C TYR A 165 -5.89 4.25 -4.65
N ASN A 166 -6.47 3.06 -4.89
CA ASN A 166 -6.50 1.97 -3.92
C ASN A 166 -5.05 1.61 -3.63
N THR A 167 -4.22 1.61 -4.70
CA THR A 167 -2.77 1.33 -4.53
C THR A 167 -2.10 2.33 -3.57
N THR A 168 -2.35 3.63 -3.77
CA THR A 168 -1.71 4.65 -2.94
C THR A 168 -2.26 4.62 -1.48
N LYS A 169 -3.52 4.25 -1.31
CA LYS A 169 -4.11 4.17 0.02
C LYS A 169 -3.62 2.96 0.82
N PHE A 170 -3.45 1.81 0.15
CA PHE A 170 -2.84 0.64 0.79
C PHE A 170 -1.41 1.01 1.19
N ALA A 171 -0.70 1.71 0.31
CA ALA A 171 0.68 2.11 0.62
C ALA A 171 0.73 3.02 1.85
N VAL A 172 -0.13 4.02 1.93
CA VAL A 172 -0.22 4.93 3.08
C VAL A 172 -0.52 4.13 4.38
N ARG A 173 -1.38 3.11 4.29
CA ARG A 173 -1.63 2.25 5.44
C ARG A 173 -0.34 1.52 5.87
N GLY A 174 0.39 0.92 4.93
CA GLY A 174 1.59 0.16 5.27
C GLY A 174 2.65 1.09 5.88
N LEU A 175 2.77 2.28 5.28
CA LEU A 175 3.69 3.31 5.81
C LEU A 175 3.29 3.66 7.27
N SER A 176 2.01 3.96 7.45
CA SER A 176 1.53 4.46 8.75
C SER A 176 1.66 3.40 9.85
N GLU A 177 1.40 2.15 9.48
CA GLU A 177 1.46 1.05 10.47
C GLU A 177 2.93 0.88 10.87
N SER A 178 3.82 0.88 9.87
CA SER A 178 5.26 0.76 10.13
C SER A 178 5.78 1.88 11.04
N LEU A 179 5.42 3.12 10.68
CA LEU A 179 5.83 4.32 11.44
C LEU A 179 5.27 4.32 12.87
N HIS A 180 4.01 3.93 13.00
CA HIS A 180 3.41 3.73 14.30
C HIS A 180 4.30 2.87 15.23
N TYR A 181 4.72 1.68 14.79
CA TYR A 181 5.60 0.83 15.61
C TYR A 181 7.00 1.39 15.84
N SER A 182 7.60 2.04 14.84
CA SER A 182 8.99 2.54 14.98
C SER A 182 9.05 3.76 15.92
N LEU A 183 7.97 4.55 15.96
CA LEU A 183 7.95 5.78 16.77
C LEU A 183 7.44 5.65 18.21
N LEU A 184 6.95 4.48 18.58
CA LEU A 184 6.53 4.22 19.97
C LEU A 184 7.63 4.61 20.98
N LYS A 185 8.86 4.18 20.73
CA LYS A 185 10.00 4.48 21.62
C LYS A 185 10.18 5.99 21.86
N TYR A 186 9.83 6.83 20.88
CA TYR A 186 9.90 8.28 21.03
C TYR A 186 8.59 8.92 21.51
N GLU A 187 7.58 8.08 21.80
CA GLU A 187 6.24 8.53 22.16
C GLU A 187 5.62 9.57 21.20
N ILE A 188 5.91 9.42 19.92
CA ILE A 188 5.20 10.16 18.89
C ILE A 188 4.15 9.20 18.36
N GLY A 189 2.91 9.61 18.41
CA GLY A 189 1.81 8.78 17.97
C GLY A 189 1.62 8.79 16.45
N VAL A 190 1.08 7.71 15.88
CA VAL A 190 0.80 7.68 14.43
C VAL A 190 -0.55 6.98 14.25
N SER A 191 -1.43 7.64 13.50
CA SER A 191 -2.75 7.12 13.17
C SER A 191 -2.97 7.17 11.65
N VAL A 192 -3.70 6.17 11.13
CA VAL A 192 -4.15 6.26 9.73
C VAL A 192 -5.66 6.33 9.75
N LEU A 193 -6.15 7.44 9.21
CA LEU A 193 -7.55 7.77 9.18
C LEU A 193 -8.15 7.08 7.95
N CYS A 194 -9.16 6.24 8.17
CA CYS A 194 -9.76 5.44 7.09
C CYS A 194 -11.25 5.70 6.92
N PRO A 195 -11.60 6.90 6.45
CA PRO A 195 -13.01 7.24 6.32
C PRO A 195 -13.72 6.47 5.22
N GLY A 196 -15.05 6.35 5.37
CA GLY A 196 -15.92 6.07 4.24
C GLY A 196 -16.32 7.41 3.64
N LEU A 197 -17.58 7.51 3.23
CA LEU A 197 -18.12 8.69 2.58
C LEU A 197 -18.12 9.95 3.44
N VAL A 198 -17.49 10.99 2.92
CA VAL A 198 -17.40 12.29 3.55
C VAL A 198 -18.38 13.21 2.84
N LYS A 199 -19.03 14.12 3.58
CA LYS A 199 -20.13 14.93 3.02
C LYS A 199 -19.74 15.76 1.78
N ALA A 229 -28.59 10.65 -6.93
CA ALA A 229 -29.11 9.76 -5.88
C ALA A 229 -29.00 10.35 -4.47
N GLY A 230 -28.43 11.56 -4.37
CA GLY A 230 -28.26 12.25 -3.09
C GLY A 230 -27.02 11.78 -2.33
N VAL A 231 -26.14 11.07 -3.05
CA VAL A 231 -24.92 10.51 -2.45
C VAL A 231 -24.09 11.59 -1.77
N HIS A 232 -23.82 12.67 -2.51
CA HIS A 232 -23.06 13.82 -2.02
C HIS A 232 -23.60 14.45 -0.73
N GLU A 233 -24.81 14.03 -0.32
CA GLU A 233 -25.59 14.68 0.76
C GLU A 233 -25.48 14.01 2.12
N PHE A 234 -25.34 12.68 2.14
CA PHE A 234 -25.34 11.94 3.41
C PHE A 234 -23.97 11.44 3.88
N GLY A 235 -22.90 11.98 3.32
CA GLY A 235 -21.54 11.69 3.81
C GLY A 235 -21.31 12.26 5.22
N MET A 236 -20.29 11.76 5.93
CA MET A 236 -20.01 12.23 7.31
C MET A 236 -19.51 13.66 7.27
N GLU A 237 -19.95 14.48 8.22
CA GLU A 237 -19.50 15.88 8.31
C GLU A 237 -18.02 15.93 8.73
N PRO A 238 -17.21 16.76 8.03
CA PRO A 238 -15.79 16.91 8.42
C PRO A 238 -15.56 17.19 9.90
N ASP A 239 -16.43 17.99 10.52
CA ASP A 239 -16.28 18.32 11.96
C ASP A 239 -16.48 17.11 12.87
N VAL A 240 -17.39 16.22 12.46
CA VAL A 240 -17.64 14.98 13.20
C VAL A 240 -16.46 14.05 13.03
N ILE A 241 -15.94 13.94 11.81
CA ILE A 241 -14.68 13.20 11.57
C ILE A 241 -13.54 13.78 12.43
N GLY A 242 -13.39 15.11 12.40
CA GLY A 242 -12.36 15.81 13.20
C GLY A 242 -12.37 15.46 14.68
N ALA A 243 -13.54 15.50 15.30
CA ALA A 243 -13.70 15.14 16.73
C ALA A 243 -13.25 13.71 16.99
N ARG A 244 -13.65 12.80 16.11
CA ARG A 244 -13.31 11.39 16.29
C ARG A 244 -11.82 11.19 16.15
N VAL A 245 -11.20 11.96 15.26
CA VAL A 245 -9.75 11.92 15.10
C VAL A 245 -9.03 12.39 16.35
N ILE A 246 -9.46 13.51 16.90
CA ILE A 246 -8.79 14.06 18.09
C ILE A 246 -8.77 13.04 19.23
N GLU A 247 -9.95 12.43 19.48
CA GLU A 247 -10.07 11.37 20.49
C GLU A 247 -9.14 10.18 20.17
N ALA A 248 -9.12 9.72 18.92
CA ALA A 248 -8.23 8.64 18.52
C ALA A 248 -6.75 8.97 18.68
N MET A 249 -6.37 10.19 18.33
CA MET A 249 -5.00 10.67 18.56
C MET A 249 -4.62 10.58 20.05
N LYS A 250 -5.53 11.02 20.93
CA LYS A 250 -5.32 10.90 22.39
C LYS A 250 -5.09 9.47 22.84
N ALA A 251 -5.70 8.51 22.13
CA ALA A 251 -5.49 7.09 22.40
C ALA A 251 -4.30 6.43 21.69
N ASN A 252 -3.58 7.17 20.84
CA ASN A 252 -2.67 6.56 19.84
C ASN A 252 -3.26 5.31 19.16
N ARG A 253 -4.52 5.41 18.77
CA ARG A 253 -5.19 4.33 18.03
C ARG A 253 -4.60 4.29 16.61
N LEU A 254 -4.09 3.12 16.22
CA LEU A 254 -3.48 2.92 14.90
C LEU A 254 -4.48 3.21 13.74
N HIS A 255 -5.58 2.46 13.70
CA HIS A 255 -6.59 2.62 12.66
C HIS A 255 -7.75 3.43 13.19
N ILE A 256 -8.01 4.58 12.57
CA ILE A 256 -9.16 5.39 12.91
C ILE A 256 -10.28 5.09 11.92
N PHE A 257 -11.23 4.26 12.36
CA PHE A 257 -12.41 3.99 11.61
C PHE A 257 -13.45 4.99 12.03
N SER A 258 -13.40 6.14 11.38
CA SER A 258 -14.35 7.21 11.65
C SER A 258 -15.80 6.76 11.38
N HIS A 259 -15.95 5.78 10.49
CA HIS A 259 -17.27 5.30 10.03
C HIS A 259 -17.50 3.90 10.59
N PRO A 260 -18.58 3.71 11.37
CA PRO A 260 -18.77 2.31 11.76
C PRO A 260 -19.35 1.46 10.61
N ASP A 261 -19.72 2.10 9.49
CA ASP A 261 -20.41 1.50 8.32
C ASP A 261 -19.90 0.14 7.86
N HIS A 262 -18.59 0.01 7.75
CA HIS A 262 -17.98 -1.17 7.07
C HIS A 262 -17.57 -2.34 7.95
N LYS A 263 -17.87 -2.27 9.23
CA LYS A 263 -17.39 -3.28 10.15
C LYS A 263 -17.67 -4.73 9.71
N GLU A 264 -18.94 -4.98 9.37
CA GLU A 264 -19.39 -6.31 9.00
C GLU A 264 -18.75 -6.79 7.70
N GLU A 265 -18.69 -5.91 6.72
CA GLU A 265 -18.09 -6.18 5.42
C GLU A 265 -16.62 -6.52 5.61
N LEU A 266 -15.91 -5.70 6.38
CA LEU A 266 -14.50 -5.95 6.61
C LEU A 266 -14.30 -7.27 7.30
N ARG A 267 -15.10 -7.58 8.33
CA ARG A 267 -15.00 -8.89 8.97
C ARG A 267 -15.14 -10.06 7.95
N GLU A 268 -16.09 -9.95 7.04
CA GLU A 268 -16.30 -10.94 5.96
C GLU A 268 -15.07 -11.01 5.01
N VAL A 269 -14.55 -9.85 4.65
CA VAL A 269 -13.37 -9.79 3.76
C VAL A 269 -12.23 -10.50 4.50
N PHE A 270 -12.06 -10.25 5.80
CA PHE A 270 -11.00 -10.92 6.57
C PHE A 270 -11.20 -12.43 6.61
N ASP A 271 -12.45 -12.85 6.84
CA ASP A 271 -12.77 -14.29 6.90
C ASP A 271 -12.40 -15.00 5.56
N GLU A 272 -12.75 -14.36 4.46
CA GLU A 272 -12.38 -14.83 3.11
C GLU A 272 -10.86 -14.96 2.87
N ILE A 273 -10.07 -13.95 3.26
CA ILE A 273 -8.59 -14.08 3.18
C ILE A 273 -8.09 -15.28 3.98
N ILE A 274 -8.58 -15.45 5.21
CA ILE A 274 -8.12 -16.61 6.00
C ILE A 274 -8.50 -17.91 5.30
N ALA A 275 -9.69 -17.92 4.73
CA ALA A 275 -10.17 -19.06 3.95
C ALA A 275 -9.28 -19.42 2.76
N GLU A 276 -8.42 -18.49 2.32
CA GLU A 276 -7.48 -18.72 1.20
C GLU A 276 -6.26 -19.53 1.57
N TYR A 277 -6.04 -19.70 2.86
CA TYR A 277 -4.96 -20.62 3.27
C TYR A 277 -5.35 -22.04 2.82
N GLN A 278 -4.40 -22.76 2.27
CA GLN A 278 -4.67 -24.06 1.69
C GLN A 278 -4.13 -25.07 2.71
N ASP A 279 -4.55 -26.31 2.61
CA ASP A 279 -4.11 -27.18 3.68
C ASP A 279 -2.82 -27.86 3.24
N TYR A 280 -1.79 -27.05 2.95
CA TYR A 280 -0.54 -27.57 2.40
C TYR A 280 0.21 -28.47 3.35
N PRO A 281 0.95 -29.44 2.79
CA PRO A 281 1.87 -30.31 3.53
C PRO A 281 3.08 -29.55 4.04
N LYS A 282 3.67 -30.04 5.11
CA LYS A 282 4.92 -29.50 5.64
C LYS A 282 6.06 -29.74 4.67
N ASP A 283 6.69 -28.67 4.24
CA ASP A 283 7.87 -28.78 3.38
C ASP A 283 9.05 -29.11 4.28
N PRO A 284 10.16 -29.59 3.70
CA PRO A 284 11.32 -29.86 4.55
C PRO A 284 11.86 -28.55 5.16
N GLY A 285 12.01 -28.51 6.47
CA GLY A 285 12.52 -27.32 7.14
C GLY A 285 11.43 -26.55 7.84
N TYR A 286 10.20 -27.06 7.71
CA TYR A 286 8.99 -26.43 8.23
C TYR A 286 9.04 -26.20 9.75
N ASP A 287 9.41 -27.23 10.50
CA ASP A 287 9.37 -27.13 11.95
C ASP A 287 10.37 -26.11 12.46
N GLN A 288 11.59 -26.17 11.92
CA GLN A 288 12.61 -25.16 12.20
C GLN A 288 12.13 -23.74 11.85
N ARG A 289 11.48 -23.60 10.69
CA ARG A 289 11.05 -22.28 10.22
C ARG A 289 9.96 -21.67 11.08
N VAL A 290 8.95 -22.46 11.41
CA VAL A 290 7.87 -22.01 12.31
C VAL A 290 8.37 -21.67 13.72
N ALA A 291 9.43 -22.35 14.15
CA ALA A 291 10.03 -22.12 15.47
C ALA A 291 10.65 -20.74 15.51
N PHE A 292 11.38 -20.40 14.46
CA PHE A 292 11.96 -19.08 14.27
C PHE A 292 10.86 -18.03 14.04
N GLU A 293 9.82 -18.39 13.28
CA GLU A 293 8.75 -17.47 12.93
C GLU A 293 7.96 -17.01 14.14
N LYS A 294 7.59 -17.97 14.98
CA LYS A 294 6.85 -17.74 16.23
C LYS A 294 7.70 -16.86 17.14
N PHE A 295 8.99 -16.81 16.85
CA PHE A 295 9.87 -15.94 17.58
C PHE A 295 9.72 -14.46 17.23
N ARG A 296 9.87 -14.09 15.96
CA ARG A 296 9.58 -12.70 15.55
C ARG A 296 8.10 -12.33 15.69
N ALA A 297 7.21 -13.33 15.57
CA ALA A 297 5.78 -13.14 15.83
C ALA A 297 5.53 -12.66 17.27
N ASP A 298 6.27 -13.23 18.23
CA ASP A 298 6.17 -12.83 19.65
C ASP A 298 6.64 -11.41 19.88
N SER A 299 7.78 -11.06 19.29
CA SER A 299 8.29 -9.68 19.36
C SER A 299 7.30 -8.65 18.75
N PHE A 300 6.62 -9.03 17.68
CA PHE A 300 5.67 -8.14 17.01
C PHE A 300 4.35 -8.02 17.79
N ALA A 301 3.87 -9.12 18.36
CA ALA A 301 2.66 -9.09 19.19
C ALA A 301 2.96 -8.34 20.48
N GLU A 302 4.21 -8.41 20.93
CA GLU A 302 4.69 -7.60 22.05
C GLU A 302 4.60 -6.07 21.72
N ALA A 303 5.13 -5.66 20.56
CA ALA A 303 4.99 -4.28 20.09
C ALA A 303 3.53 -3.81 19.97
N ARG A 304 2.64 -4.68 19.49
CA ARG A 304 1.21 -4.33 19.39
C ARG A 304 0.57 -4.20 20.77
N ARG A 305 0.96 -5.08 21.69
CA ARG A 305 0.39 -5.08 23.03
C ARG A 305 0.77 -3.78 23.74
N GLN A 306 2.01 -3.32 23.53
CA GLN A 306 2.44 -2.02 24.04
C GLN A 306 1.76 -0.80 23.39
N SER A 307 1.46 -0.91 22.10
CA SER A 307 0.66 0.08 21.38
C SER A 307 -0.80 0.29 21.92
N ARG A 308 -1.43 -0.77 22.45
CA ARG A 308 -2.86 -0.73 22.83
C ARG A 308 -3.20 -0.06 24.19
N PHE B 6 -1.59 -24.06 -20.23
CA PHE B 6 -0.18 -23.62 -20.00
C PHE B 6 0.75 -23.83 -21.17
N ALA B 7 0.75 -25.04 -21.73
CA ALA B 7 1.66 -25.39 -22.85
C ALA B 7 1.55 -24.38 -23.98
N GLY B 8 2.66 -23.95 -24.53
CA GLY B 8 2.61 -23.00 -25.64
C GLY B 8 2.45 -21.55 -25.25
N ARG B 9 2.23 -21.25 -23.95
CA ARG B 9 2.23 -19.84 -23.52
C ARG B 9 3.66 -19.37 -23.31
N THR B 10 3.86 -18.06 -23.47
CA THR B 10 5.09 -17.38 -23.11
C THR B 10 4.92 -16.57 -21.82
N ALA B 11 5.86 -16.76 -20.90
CA ALA B 11 5.83 -16.08 -19.59
C ALA B 11 7.06 -15.14 -19.52
N PHE B 12 6.94 -14.06 -18.76
CA PHE B 12 8.00 -13.06 -18.55
C PHE B 12 8.19 -12.92 -17.04
N VAL B 13 9.36 -13.29 -16.53
CA VAL B 13 9.58 -13.26 -15.09
C VAL B 13 10.69 -12.28 -14.69
N THR B 14 10.32 -11.21 -14.01
CA THR B 14 11.36 -10.35 -13.40
C THR B 14 11.95 -10.89 -12.10
N GLY B 15 13.15 -10.42 -11.74
CA GLY B 15 13.96 -11.07 -10.71
C GLY B 15 13.99 -12.58 -10.96
N GLY B 16 14.02 -12.99 -12.21
CA GLY B 16 13.84 -14.39 -12.59
C GLY B 16 15.09 -15.24 -12.43
N ALA B 17 16.22 -14.61 -12.10
CA ALA B 17 17.51 -15.29 -12.11
C ALA B 17 17.77 -16.16 -10.87
N ASN B 18 17.21 -15.78 -9.72
CA ASN B 18 17.18 -16.66 -8.53
C ASN B 18 16.04 -16.43 -7.54
N GLY B 19 16.21 -17.03 -6.37
CA GLY B 19 15.19 -17.12 -5.34
C GLY B 19 13.90 -17.67 -5.88
N VAL B 20 12.82 -17.03 -5.47
CA VAL B 20 11.47 -17.34 -5.93
C VAL B 20 11.39 -17.31 -7.46
N GLY B 21 12.04 -16.31 -8.07
CA GLY B 21 11.99 -16.14 -9.53
C GLY B 21 12.40 -17.35 -10.33
N ILE B 22 13.54 -17.96 -9.98
CA ILE B 22 14.02 -19.14 -10.67
C ILE B 22 13.15 -20.37 -10.38
N GLY B 23 12.53 -20.40 -9.19
CA GLY B 23 11.51 -21.39 -8.86
C GLY B 23 10.34 -21.28 -9.81
N LEU B 24 9.81 -20.08 -9.98
CA LEU B 24 8.73 -19.85 -10.93
C LEU B 24 9.14 -20.20 -12.37
N VAL B 25 10.32 -19.75 -12.79
CA VAL B 25 10.82 -20.06 -14.15
C VAL B 25 10.87 -21.57 -14.41
N ARG B 26 11.47 -22.30 -13.49
CA ARG B 26 11.64 -23.72 -13.70
C ARG B 26 10.28 -24.41 -13.78
N GLN B 27 9.39 -24.06 -12.86
CA GLN B 27 8.11 -24.75 -12.82
C GLN B 27 7.30 -24.36 -14.05
N LEU B 28 7.40 -23.10 -14.47
CA LEU B 28 6.70 -22.66 -15.67
C LEU B 28 7.25 -23.42 -16.89
N LEU B 29 8.58 -23.51 -16.98
CA LEU B 29 9.16 -24.30 -18.05
C LEU B 29 8.65 -25.75 -18.03
N ASN B 30 8.46 -26.31 -16.83
CA ASN B 30 7.98 -27.70 -16.71
C ASN B 30 6.50 -27.90 -17.00
N GLN B 31 5.77 -26.82 -17.26
CA GLN B 31 4.41 -26.90 -17.80
C GLN B 31 4.39 -26.76 -19.31
N GLY B 32 5.56 -26.69 -19.94
CA GLY B 32 5.64 -26.43 -21.36
C GLY B 32 5.61 -24.97 -21.80
N CYS B 33 5.77 -24.01 -20.88
CA CYS B 33 5.86 -22.60 -21.31
C CYS B 33 7.20 -22.25 -21.88
N LYS B 34 7.20 -21.25 -22.76
CA LYS B 34 8.41 -20.52 -23.09
C LYS B 34 8.56 -19.42 -22.05
N VAL B 35 9.77 -19.23 -21.53
CA VAL B 35 9.97 -18.30 -20.40
C VAL B 35 11.16 -17.36 -20.63
N ALA B 36 10.89 -16.05 -20.51
CA ALA B 36 11.94 -15.03 -20.38
C ALA B 36 12.32 -14.69 -18.92
N ILE B 37 13.57 -14.91 -18.57
CA ILE B 37 14.11 -14.44 -17.34
C ILE B 37 14.53 -12.98 -17.52
N ALA B 38 13.91 -12.05 -16.80
CA ALA B 38 14.42 -10.68 -16.78
C ALA B 38 15.09 -10.39 -15.45
N ASP B 39 16.29 -9.83 -15.49
CA ASP B 39 17.00 -9.42 -14.26
C ASP B 39 17.99 -8.28 -14.53
N ILE B 40 18.35 -7.54 -13.48
CA ILE B 40 19.20 -6.36 -13.65
C ILE B 40 20.67 -6.72 -13.89
N ARG B 41 21.09 -7.89 -13.40
CA ARG B 41 22.49 -8.31 -13.48
C ARG B 41 22.72 -9.39 -14.54
N GLN B 42 23.52 -9.05 -15.55
CA GLN B 42 23.79 -9.94 -16.68
C GLN B 42 24.32 -11.32 -16.33
N ASP B 43 25.27 -11.40 -15.40
CA ASP B 43 25.88 -12.70 -15.12
C ASP B 43 24.96 -13.61 -14.30
N SER B 44 24.08 -13.00 -13.49
CA SER B 44 23.01 -13.74 -12.77
C SER B 44 22.17 -14.52 -13.77
N ILE B 45 21.72 -13.81 -14.80
CA ILE B 45 20.98 -14.36 -15.92
C ILE B 45 21.75 -15.55 -16.51
N ASP B 46 23.03 -15.32 -16.83
CA ASP B 46 23.85 -16.35 -17.46
C ASP B 46 24.02 -17.61 -16.62
N LYS B 47 24.19 -17.43 -15.32
CA LYS B 47 24.23 -18.54 -14.37
C LYS B 47 22.93 -19.32 -14.38
N ALA B 48 21.80 -18.59 -14.37
CA ALA B 48 20.50 -19.23 -14.39
C ALA B 48 20.28 -19.96 -15.70
N LEU B 49 20.69 -19.34 -16.82
CA LEU B 49 20.54 -20.01 -18.11
C LEU B 49 21.40 -21.29 -18.21
N ALA B 50 22.57 -21.29 -17.56
CA ALA B 50 23.49 -22.43 -17.56
C ALA B 50 22.89 -23.59 -16.76
N THR B 51 22.46 -23.30 -15.53
CA THR B 51 21.76 -24.26 -14.70
C THR B 51 20.59 -24.94 -15.43
N LEU B 52 19.83 -24.17 -16.19
CA LEU B 52 18.62 -24.68 -16.86
C LEU B 52 18.89 -25.47 -18.14
N GLU B 53 19.90 -25.05 -18.92
CA GLU B 53 20.31 -25.86 -20.05
C GLU B 53 20.82 -27.23 -19.56
N ALA B 54 21.58 -27.21 -18.46
CA ALA B 54 22.02 -28.43 -17.80
C ALA B 54 20.85 -29.37 -17.43
N GLU B 55 19.62 -28.91 -17.65
CA GLU B 55 18.41 -29.71 -17.46
C GLU B 55 17.68 -29.74 -18.80
N SER B 57 16.15 -28.91 -22.06
CA SER B 57 15.78 -27.87 -23.03
C SER B 57 16.16 -26.43 -22.63
N GLY B 58 16.73 -25.72 -23.60
CA GLY B 58 17.06 -24.29 -23.51
C GLY B 58 16.50 -23.51 -24.69
N PRO B 59 16.06 -24.20 -25.77
CA PRO B 59 15.17 -23.58 -26.78
C PRO B 59 13.89 -22.92 -26.24
N GLU B 60 13.50 -23.22 -25.00
CA GLU B 60 12.31 -22.58 -24.45
C GLU B 60 12.60 -21.54 -23.36
N VAL B 61 13.87 -21.32 -23.01
CA VAL B 61 14.18 -20.24 -22.06
C VAL B 61 15.11 -19.16 -22.65
N MET B 62 14.86 -17.90 -22.32
CA MET B 62 15.74 -16.77 -22.74
C MET B 62 15.98 -15.83 -21.56
N GLY B 63 17.02 -15.02 -21.68
CA GLY B 63 17.34 -14.03 -20.68
C GLY B 63 17.31 -12.63 -21.29
N VAL B 64 16.89 -11.65 -20.51
CA VAL B 64 16.92 -10.24 -20.92
C VAL B 64 17.31 -9.34 -19.74
N GLN B 65 18.41 -8.59 -19.89
CA GLN B 65 18.83 -7.64 -18.88
C GLN B 65 17.79 -6.52 -18.77
N LEU B 66 17.37 -6.22 -17.54
CA LEU B 66 16.33 -5.22 -17.31
C LEU B 66 16.46 -4.60 -15.93
N ASP B 67 16.37 -3.27 -15.88
CA ASP B 67 16.21 -2.57 -14.62
C ASP B 67 14.71 -2.29 -14.60
N VAL B 68 13.95 -3.00 -13.77
CA VAL B 68 12.47 -2.85 -13.82
C VAL B 68 11.94 -1.44 -13.51
N ALA B 69 12.77 -0.63 -12.87
CA ALA B 69 12.47 0.77 -12.58
C ALA B 69 12.45 1.65 -13.82
N SER B 70 13.03 1.16 -14.92
CA SER B 70 13.08 1.96 -16.16
C SER B 70 11.93 1.67 -17.12
N ARG B 71 11.03 2.64 -17.29
CA ARG B 71 9.90 2.46 -18.19
C ARG B 71 10.28 2.18 -19.67
N GLU B 72 11.31 2.87 -20.15
CA GLU B 72 11.78 2.64 -21.53
C GLU B 72 12.46 1.26 -21.59
N GLY B 73 13.22 0.93 -20.57
CA GLY B 73 13.89 -0.37 -20.49
C GLY B 73 12.88 -1.50 -20.53
N PHE B 74 11.79 -1.35 -19.76
CA PHE B 74 10.76 -2.39 -19.72
C PHE B 74 10.12 -2.58 -21.07
N LYS B 75 9.77 -1.49 -21.75
CA LYS B 75 9.19 -1.53 -23.10
C LYS B 75 10.09 -2.31 -24.08
N MET B 76 11.39 -2.00 -24.10
CA MET B 76 12.34 -2.64 -25.02
C MET B 76 12.51 -4.12 -24.69
N ALA B 77 12.53 -4.46 -23.40
CA ALA B 77 12.60 -5.87 -22.97
C ALA B 77 11.35 -6.65 -23.40
N ALA B 78 10.19 -6.04 -23.21
CA ALA B 78 8.93 -6.65 -23.65
C ALA B 78 8.94 -6.93 -25.16
N ASP B 79 9.42 -5.94 -25.92
CA ASP B 79 9.47 -6.05 -27.39
C ASP B 79 10.39 -7.18 -27.85
N GLU B 80 11.56 -7.26 -27.22
CA GLU B 80 12.55 -8.30 -27.54
C GLU B 80 11.98 -9.68 -27.27
N VAL B 81 11.40 -9.85 -26.08
CA VAL B 81 10.81 -11.13 -25.72
C VAL B 81 9.71 -11.52 -26.68
N GLU B 82 8.82 -10.59 -26.99
CA GLU B 82 7.70 -10.95 -27.82
C GLU B 82 8.07 -11.14 -29.31
N ALA B 83 9.14 -10.50 -29.75
CA ALA B 83 9.69 -10.73 -31.11
C ALA B 83 10.27 -12.15 -31.23
N ARG B 84 10.90 -12.68 -30.18
CA ARG B 84 11.41 -14.05 -30.22
C ARG B 84 10.41 -15.16 -29.83
N PHE B 85 9.75 -15.03 -28.67
CA PHE B 85 8.84 -16.10 -28.15
C PHE B 85 7.37 -15.91 -28.42
N GLY B 86 6.98 -14.71 -28.80
CA GLY B 86 5.57 -14.46 -29.06
C GLY B 86 4.90 -13.70 -27.93
N PRO B 87 3.63 -13.30 -28.13
CA PRO B 87 2.89 -12.54 -27.13
C PRO B 87 2.94 -13.19 -25.74
N VAL B 88 3.35 -12.39 -24.75
CA VAL B 88 3.41 -12.82 -23.34
C VAL B 88 1.98 -12.89 -22.73
N SER B 89 1.61 -14.03 -22.15
CA SER B 89 0.29 -14.11 -21.51
C SER B 89 0.45 -14.42 -20.01
N ILE B 90 1.69 -14.60 -19.55
CA ILE B 90 1.94 -14.83 -18.12
C ILE B 90 3.03 -13.88 -17.69
N LEU B 91 2.71 -12.99 -16.74
CA LEU B 91 3.67 -11.99 -16.29
C LEU B 91 3.87 -12.19 -14.80
N CYS B 92 5.12 -12.44 -14.39
CA CYS B 92 5.43 -12.53 -12.99
C CYS B 92 6.34 -11.35 -12.64
N ASN B 93 5.78 -10.37 -11.96
CA ASN B 93 6.54 -9.21 -11.44
C ASN B 93 7.14 -9.60 -10.08
N ASN B 94 8.36 -10.10 -10.12
CA ASN B 94 8.95 -10.69 -8.95
C ASN B 94 10.22 -10.01 -8.46
N ALA B 95 10.70 -8.99 -9.16
CA ALA B 95 11.90 -8.26 -8.73
C ALA B 95 11.61 -7.57 -7.39
N GLY B 96 12.61 -7.51 -6.53
CA GLY B 96 12.42 -6.85 -5.25
C GLY B 96 13.73 -6.59 -4.53
N VAL B 97 13.76 -5.52 -3.75
CA VAL B 97 14.90 -5.28 -2.88
C VAL B 97 14.40 -4.99 -1.46
N ASN B 98 15.25 -5.25 -0.47
CA ASN B 98 14.89 -4.90 0.90
C ASN B 98 15.92 -3.95 1.55
N LEU B 99 15.56 -3.37 2.69
CA LEU B 99 16.43 -2.46 3.46
C LEU B 99 15.95 -2.47 4.90
N PHE B 100 16.77 -3.00 5.81
CA PHE B 100 16.28 -3.17 7.18
C PHE B 100 16.48 -1.96 8.10
N GLN B 101 15.54 -1.02 7.99
CA GLN B 101 15.61 0.29 8.61
C GLN B 101 14.16 0.73 8.88
N PRO B 102 13.93 1.46 10.00
CA PRO B 102 12.65 2.14 10.20
C PRO B 102 12.55 3.37 9.31
N ILE B 103 11.33 3.82 9.07
CA ILE B 103 11.14 4.96 8.20
C ILE B 103 11.89 6.22 8.71
N GLU B 104 11.81 6.54 10.01
CA GLU B 104 12.40 7.84 10.47
C GLU B 104 13.93 7.90 10.28
N GLU B 105 14.56 6.73 10.12
CA GLU B 105 15.98 6.64 9.77
C GLU B 105 16.28 6.49 8.26
N SER B 106 15.26 6.66 7.41
CA SER B 106 15.49 6.43 5.98
C SER B 106 15.49 7.72 5.20
N SER B 107 16.37 7.82 4.22
CA SER B 107 16.47 9.05 3.43
C SER B 107 15.59 8.98 2.20
N TYR B 108 15.44 10.12 1.53
CA TYR B 108 14.78 10.12 0.24
C TYR B 108 15.47 9.17 -0.77
N ASP B 109 16.80 9.08 -0.73
CA ASP B 109 17.48 8.12 -1.63
C ASP B 109 17.02 6.67 -1.38
N ASP B 110 16.82 6.31 -0.11
CA ASP B 110 16.30 4.99 0.29
C ASP B 110 14.88 4.75 -0.27
N TRP B 111 14.01 5.75 -0.13
CA TRP B 111 12.67 5.69 -0.71
C TRP B 111 12.74 5.50 -2.22
N ASP B 112 13.59 6.30 -2.90
CA ASP B 112 13.64 6.23 -4.37
C ASP B 112 14.11 4.89 -4.86
N TRP B 113 15.12 4.32 -4.21
CA TRP B 113 15.61 2.98 -4.53
C TRP B 113 14.55 1.87 -4.40
N LEU B 114 13.92 1.79 -3.24
CA LEU B 114 12.98 0.70 -2.96
C LEU B 114 11.66 0.89 -3.70
N LEU B 115 11.16 2.11 -3.78
CA LEU B 115 9.96 2.39 -4.60
C LEU B 115 10.24 2.02 -6.06
N GLY B 116 11.47 2.35 -6.52
CA GLY B 116 11.86 2.07 -7.90
C GLY B 116 11.70 0.62 -8.24
N VAL B 117 12.37 -0.25 -7.49
CA VAL B 117 12.28 -1.68 -7.72
C VAL B 117 10.92 -2.29 -7.37
N ASN B 118 10.46 -2.06 -6.14
CA ASN B 118 9.37 -2.86 -5.57
C ASN B 118 8.00 -2.41 -6.04
N LEU B 119 7.85 -1.11 -6.30
CA LEU B 119 6.56 -0.59 -6.70
C LEU B 119 6.57 -0.25 -8.20
N HIS B 120 7.51 0.59 -8.63
CA HIS B 120 7.58 1.01 -10.04
C HIS B 120 7.83 -0.16 -10.93
N GLY B 121 8.60 -1.14 -10.47
CA GLY B 121 8.74 -2.43 -11.18
C GLY B 121 7.42 -3.09 -11.56
N VAL B 122 6.46 -3.06 -10.62
CA VAL B 122 5.20 -3.74 -10.81
C VAL B 122 4.33 -2.83 -11.68
N VAL B 123 4.35 -1.53 -11.36
CA VAL B 123 3.63 -0.54 -12.18
C VAL B 123 4.09 -0.63 -13.66
N ASN B 124 5.40 -0.74 -13.86
CA ASN B 124 5.97 -0.74 -15.21
C ASN B 124 5.64 -2.02 -15.93
N GLY B 125 5.72 -3.14 -15.20
CA GLY B 125 5.43 -4.47 -15.76
C GLY B 125 3.99 -4.50 -16.22
N VAL B 126 3.10 -4.08 -15.33
CA VAL B 126 1.65 -4.06 -15.61
C VAL B 126 1.27 -3.08 -16.75
N THR B 127 1.80 -1.86 -16.70
CA THR B 127 1.56 -0.86 -17.73
C THR B 127 2.14 -1.31 -19.10
N THR B 128 3.30 -1.95 -19.10
CA THR B 128 3.89 -2.43 -20.36
C THR B 128 3.05 -3.55 -20.96
N PHE B 129 2.70 -4.55 -20.15
CA PHE B 129 2.13 -5.78 -20.68
C PHE B 129 0.63 -5.91 -20.67
N VAL B 130 0.00 -5.44 -19.59
CA VAL B 130 -1.44 -5.67 -19.46
C VAL B 130 -2.28 -5.02 -20.57
N PRO B 131 -1.97 -3.77 -20.95
CA PRO B 131 -2.78 -3.21 -22.07
C PRO B 131 -2.62 -4.04 -23.36
N ARG B 132 -1.46 -4.67 -23.54
CA ARG B 132 -1.21 -5.51 -24.73
C ARG B 132 -2.07 -6.74 -24.65
N MET B 133 -2.14 -7.34 -23.46
CA MET B 133 -2.97 -8.52 -23.26
C MET B 133 -4.45 -8.20 -23.50
N VAL B 134 -4.87 -7.04 -23.03
CA VAL B 134 -6.30 -6.67 -23.06
C VAL B 134 -6.76 -6.47 -24.54
N GLU B 135 -5.98 -5.71 -25.28
CA GLU B 135 -6.12 -5.53 -26.72
C GLU B 135 -6.17 -6.86 -27.49
N ARG B 136 -5.29 -7.80 -27.15
CA ARG B 136 -5.32 -9.13 -27.74
C ARG B 136 -6.55 -9.96 -27.36
N VAL B 137 -6.99 -9.89 -26.09
CA VAL B 137 -8.23 -10.55 -25.70
C VAL B 137 -9.39 -9.94 -26.49
N LYS B 138 -9.46 -8.63 -26.54
CA LYS B 138 -10.53 -7.94 -27.27
C LYS B 138 -10.59 -8.32 -28.74
N ALA B 139 -9.42 -8.58 -29.34
CA ALA B 139 -9.30 -8.94 -30.76
C ALA B 139 -9.51 -10.43 -31.02
N GLY B 140 -9.74 -11.21 -29.97
CA GLY B 140 -9.83 -12.65 -30.05
C GLY B 140 -8.53 -13.34 -30.43
N GLU B 141 -7.41 -12.66 -30.23
CA GLU B 141 -6.08 -13.21 -30.48
C GLU B 141 -5.47 -13.92 -29.26
N GLN B 142 -5.99 -13.61 -28.07
CA GLN B 142 -5.51 -14.22 -26.83
C GLN B 142 -6.72 -14.79 -26.06
N LYS B 143 -6.57 -15.98 -25.48
CA LYS B 143 -7.55 -16.42 -24.51
C LYS B 143 -6.91 -16.73 -23.17
N GLY B 144 -7.35 -16.02 -22.13
CA GLY B 144 -6.81 -16.20 -20.78
C GLY B 144 -5.41 -15.63 -20.62
N GLY B 145 -4.89 -15.59 -19.40
CA GLY B 145 -3.60 -14.96 -19.17
C GLY B 145 -3.48 -14.81 -17.66
N HIS B 146 -2.29 -14.51 -17.14
CA HIS B 146 -2.17 -14.36 -15.68
C HIS B 146 -1.07 -13.38 -15.35
N VAL B 147 -1.28 -12.63 -14.27
CA VAL B 147 -0.25 -11.74 -13.75
C VAL B 147 -0.10 -12.18 -12.30
N VAL B 148 1.13 -12.50 -11.93
CA VAL B 148 1.44 -12.80 -10.54
C VAL B 148 2.42 -11.72 -10.02
N ASN B 149 2.03 -11.01 -8.97
CA ASN B 149 2.92 -10.02 -8.38
C ASN B 149 3.46 -10.53 -7.06
N THR B 150 4.77 -10.50 -6.87
CA THR B 150 5.33 -10.94 -5.59
C THR B 150 5.29 -9.78 -4.59
N ALA B 151 4.45 -9.94 -3.57
CA ALA B 151 4.51 -9.06 -2.43
C ALA B 151 5.28 -9.81 -1.34
N SER B 152 4.68 -10.02 -0.18
CA SER B 152 5.40 -10.59 0.93
C SER B 152 4.33 -10.76 1.96
N MET B 153 4.57 -11.59 3.00
CA MET B 153 3.76 -11.45 4.22
C MET B 153 3.83 -10.02 4.85
N ALA B 154 4.84 -9.24 4.45
CA ALA B 154 4.95 -7.84 4.88
C ALA B 154 3.84 -6.97 4.28
N ALA B 155 3.06 -7.54 3.34
CA ALA B 155 1.82 -6.89 2.80
C ALA B 155 0.65 -6.98 3.79
N PHE B 156 0.87 -7.73 4.87
CA PHE B 156 -0.13 -7.93 5.92
C PHE B 156 0.42 -7.56 7.32
N LEU B 157 1.65 -7.98 7.58
CA LEU B 157 2.24 -7.90 8.90
C LEU B 157 3.36 -6.87 8.82
N ALA B 158 3.07 -5.64 9.25
CA ALA B 158 4.00 -4.52 9.12
C ALA B 158 4.50 -4.04 10.50
N ALA B 159 5.72 -4.38 10.85
CA ALA B 159 6.35 -3.85 12.07
C ALA B 159 7.14 -2.53 11.78
N GLY B 160 7.86 -2.01 12.77
CA GLY B 160 8.66 -0.79 12.58
C GLY B 160 9.68 -0.86 11.45
N SER B 161 10.36 -2.02 11.36
CA SER B 161 11.32 -2.28 10.30
C SER B 161 10.91 -3.53 9.53
N PRO B 162 11.12 -3.56 8.20
CA PRO B 162 11.60 -2.52 7.31
C PRO B 162 10.42 -1.68 6.78
N GLY B 163 10.37 -0.41 7.20
CA GLY B 163 9.20 0.48 6.97
C GLY B 163 8.90 0.78 5.50
N ILE B 164 9.95 1.13 4.75
CA ILE B 164 9.80 1.41 3.32
C ILE B 164 9.43 0.12 2.60
N TYR B 165 10.14 -0.99 2.88
CA TYR B 165 9.78 -2.28 2.30
C TYR B 165 8.31 -2.61 2.51
N ASN B 166 7.84 -2.46 3.76
CA ASN B 166 6.42 -2.79 4.07
C ASN B 166 5.48 -1.89 3.27
N THR B 167 5.87 -0.62 3.17
CA THR B 167 5.10 0.35 2.39
C THR B 167 4.95 -0.13 0.93
N THR B 168 6.07 -0.52 0.31
CA THR B 168 6.03 -0.99 -1.09
C THR B 168 5.18 -2.26 -1.24
N LYS B 169 5.23 -3.15 -0.24
CA LYS B 169 4.49 -4.42 -0.37
C LYS B 169 2.96 -4.30 -0.17
N PHE B 170 2.53 -3.47 0.78
CA PHE B 170 1.12 -3.05 0.89
C PHE B 170 0.69 -2.48 -0.46
N ALA B 171 1.53 -1.62 -1.06
CA ALA B 171 1.12 -0.98 -2.34
C ALA B 171 0.95 -2.06 -3.41
N VAL B 172 1.86 -3.01 -3.52
CA VAL B 172 1.73 -4.08 -4.54
C VAL B 172 0.49 -4.92 -4.28
N ARG B 173 0.19 -5.16 -3.01
CA ARG B 173 -0.99 -5.94 -2.72
C ARG B 173 -2.24 -5.19 -3.18
N GLY B 174 -2.28 -3.88 -2.89
CA GLY B 174 -3.46 -3.03 -3.24
C GLY B 174 -3.67 -2.94 -4.76
N LEU B 175 -2.55 -2.72 -5.45
CA LEU B 175 -2.49 -2.83 -6.89
C LEU B 175 -2.99 -4.18 -7.43
N SER B 176 -2.48 -5.28 -6.90
CA SER B 176 -2.91 -6.62 -7.36
C SER B 176 -4.39 -6.92 -7.14
N GLU B 177 -4.92 -6.53 -5.98
CA GLU B 177 -6.30 -6.76 -5.65
C GLU B 177 -7.17 -5.98 -6.64
N SER B 178 -6.83 -4.72 -6.87
CA SER B 178 -7.59 -3.85 -7.79
C SER B 178 -7.59 -4.45 -9.22
N LEU B 179 -6.40 -4.81 -9.69
CA LEU B 179 -6.24 -5.37 -11.04
C LEU B 179 -6.97 -6.74 -11.20
N HIS B 180 -6.93 -7.59 -10.17
CA HIS B 180 -7.68 -8.86 -10.14
C HIS B 180 -9.14 -8.63 -10.49
N TYR B 181 -9.76 -7.67 -9.83
CA TYR B 181 -11.20 -7.43 -10.07
C TYR B 181 -11.49 -6.77 -11.39
N SER B 182 -10.63 -5.82 -11.79
CA SER B 182 -10.81 -5.15 -13.07
C SER B 182 -10.50 -6.08 -14.23
N LEU B 183 -9.56 -7.04 -14.09
CA LEU B 183 -9.29 -7.97 -15.22
C LEU B 183 -10.20 -9.18 -15.40
N LEU B 184 -11.09 -9.43 -14.43
CA LEU B 184 -11.99 -10.58 -14.49
C LEU B 184 -12.81 -10.66 -15.77
N LYS B 185 -13.17 -9.51 -16.32
CA LYS B 185 -14.08 -9.40 -17.47
C LYS B 185 -13.30 -9.79 -18.75
N TYR B 186 -11.97 -9.86 -18.67
CA TYR B 186 -11.14 -10.30 -19.80
C TYR B 186 -10.60 -11.72 -19.57
N GLU B 187 -11.03 -12.32 -18.47
CA GLU B 187 -10.57 -13.62 -18.04
C GLU B 187 -9.03 -13.67 -17.95
N ILE B 188 -8.44 -12.57 -17.51
CA ILE B 188 -7.02 -12.57 -17.20
C ILE B 188 -6.93 -12.63 -15.67
N GLY B 189 -6.27 -13.67 -15.16
CA GLY B 189 -6.18 -13.87 -13.71
C GLY B 189 -5.10 -12.97 -13.10
N VAL B 190 -5.23 -12.69 -11.81
CA VAL B 190 -4.24 -11.88 -11.12
C VAL B 190 -4.11 -12.45 -9.70
N SER B 191 -2.88 -12.72 -9.30
CA SER B 191 -2.57 -13.20 -7.95
C SER B 191 -1.47 -12.38 -7.31
N VAL B 192 -1.58 -12.18 -6.00
CA VAL B 192 -0.45 -11.63 -5.22
C VAL B 192 0.14 -12.77 -4.37
N LEU B 193 1.43 -13.00 -4.61
CA LEU B 193 2.17 -14.07 -3.97
C LEU B 193 2.71 -13.48 -2.67
N CYS B 194 2.35 -14.06 -1.50
CA CYS B 194 2.77 -13.49 -0.22
C CYS B 194 3.56 -14.50 0.58
N PRO B 195 4.82 -14.74 0.18
CA PRO B 195 5.56 -15.77 0.89
C PRO B 195 6.14 -15.30 2.23
N GLY B 196 6.43 -16.25 3.09
CA GLY B 196 7.32 -16.04 4.23
C GLY B 196 8.74 -16.30 3.74
N LEU B 197 9.52 -17.02 4.54
CA LEU B 197 10.96 -17.15 4.28
C LEU B 197 11.24 -18.14 3.18
N VAL B 198 12.06 -17.72 2.23
CA VAL B 198 12.49 -18.53 1.11
C VAL B 198 13.94 -18.96 1.39
N LYS B 199 14.33 -20.12 0.86
CA LYS B 199 15.68 -20.66 1.01
C LYS B 199 16.75 -19.68 0.53
N HIS B 232 18.16 -19.40 6.99
CA HIS B 232 18.39 -19.40 5.53
C HIS B 232 18.47 -20.82 4.97
N GLU B 233 18.62 -21.79 5.89
CA GLU B 233 18.62 -23.22 5.58
C GLU B 233 17.22 -23.83 5.78
N PHE B 234 16.32 -23.08 6.40
CA PHE B 234 14.98 -23.57 6.67
C PHE B 234 13.89 -22.80 5.91
N GLY B 235 14.33 -21.94 5.00
CA GLY B 235 13.43 -21.23 4.07
C GLY B 235 12.87 -22.20 3.04
N MET B 236 11.67 -21.91 2.53
CA MET B 236 10.94 -22.85 1.68
C MET B 236 11.65 -22.94 0.34
N GLU B 237 11.71 -24.14 -0.21
CA GLU B 237 12.28 -24.36 -1.55
C GLU B 237 11.54 -23.54 -2.61
N PRO B 238 12.29 -22.82 -3.48
CA PRO B 238 11.67 -22.04 -4.56
C PRO B 238 10.84 -22.91 -5.52
N ASP B 239 11.25 -24.15 -5.75
CA ASP B 239 10.48 -25.07 -6.63
C ASP B 239 9.12 -25.37 -6.04
N VAL B 240 9.10 -25.55 -4.72
CA VAL B 240 7.83 -25.76 -4.01
C VAL B 240 6.96 -24.50 -4.08
N ILE B 241 7.54 -23.32 -3.86
CA ILE B 241 6.74 -22.08 -4.02
C ILE B 241 6.19 -22.01 -5.43
N GLY B 242 7.03 -22.28 -6.41
CA GLY B 242 6.59 -22.22 -7.81
C GLY B 242 5.47 -23.18 -8.14
N ALA B 243 5.62 -24.40 -7.67
CA ALA B 243 4.57 -25.43 -7.86
C ALA B 243 3.26 -25.00 -7.28
N ARG B 244 3.28 -24.44 -6.05
CA ARG B 244 2.03 -23.95 -5.44
C ARG B 244 1.47 -22.77 -6.19
N VAL B 245 2.35 -21.92 -6.72
CA VAL B 245 1.90 -20.77 -7.51
C VAL B 245 1.16 -21.24 -8.77
N ILE B 246 1.72 -22.22 -9.47
CA ILE B 246 1.06 -22.74 -10.69
C ILE B 246 -0.39 -23.21 -10.40
N GLU B 247 -0.58 -24.01 -9.34
CA GLU B 247 -1.93 -24.46 -8.94
C GLU B 247 -2.84 -23.29 -8.64
N ALA B 248 -2.32 -22.28 -7.92
CA ALA B 248 -3.15 -21.14 -7.55
C ALA B 248 -3.56 -20.33 -8.77
N MET B 249 -2.63 -20.17 -9.72
CA MET B 249 -2.94 -19.47 -10.97
C MET B 249 -4.15 -20.11 -11.67
N LYS B 250 -4.18 -21.45 -11.69
CA LYS B 250 -5.26 -22.22 -12.34
C LYS B 250 -6.59 -22.00 -11.64
N ALA B 251 -6.54 -21.69 -10.36
CA ALA B 251 -7.74 -21.35 -9.63
C ALA B 251 -8.08 -19.83 -9.62
N ASN B 252 -7.22 -18.99 -10.21
CA ASN B 252 -7.28 -17.52 -10.08
C ASN B 252 -7.40 -17.09 -8.61
N ARG B 253 -6.58 -17.68 -7.76
CA ARG B 253 -6.63 -17.35 -6.35
C ARG B 253 -5.95 -16.00 -6.13
N LEU B 254 -6.64 -15.10 -5.46
CA LEU B 254 -6.19 -13.74 -5.28
C LEU B 254 -4.92 -13.68 -4.42
N HIS B 255 -4.97 -14.23 -3.22
CA HIS B 255 -3.79 -14.28 -2.35
C HIS B 255 -3.20 -15.68 -2.35
N ILE B 256 -1.90 -15.77 -2.68
CA ILE B 256 -1.21 -17.03 -2.66
C ILE B 256 -0.39 -17.04 -1.39
N PHE B 257 -0.89 -17.75 -0.39
CA PHE B 257 -0.15 -17.97 0.85
C PHE B 257 0.59 -19.27 0.74
N SER B 258 1.77 -19.18 0.16
CA SER B 258 2.63 -20.32 -0.07
C SER B 258 3.01 -21.04 1.23
N HIS B 259 3.04 -20.28 2.32
CA HIS B 259 3.51 -20.77 3.64
C HIS B 259 2.29 -20.95 4.55
N PRO B 260 2.11 -22.16 5.12
CA PRO B 260 1.06 -22.27 6.17
C PRO B 260 1.41 -21.46 7.44
N ASP B 261 2.69 -21.09 7.59
CA ASP B 261 3.29 -20.52 8.82
C ASP B 261 2.48 -19.48 9.54
N HIS B 262 1.91 -18.53 8.81
CA HIS B 262 1.39 -17.31 9.44
C HIS B 262 -0.08 -17.26 9.71
N LYS B 263 -0.80 -18.35 9.42
CA LYS B 263 -2.25 -18.29 9.41
C LYS B 263 -2.82 -17.82 10.76
N GLU B 264 -2.33 -18.41 11.85
CA GLU B 264 -2.86 -18.07 13.19
C GLU B 264 -2.51 -16.64 13.55
N GLU B 265 -1.27 -16.22 13.25
CA GLU B 265 -0.86 -14.84 13.48
C GLU B 265 -1.72 -13.85 12.71
N LEU B 266 -2.00 -14.17 11.44
CA LEU B 266 -2.82 -13.26 10.63
C LEU B 266 -4.24 -13.21 11.15
N ARG B 267 -4.78 -14.36 11.58
CA ARG B 267 -6.13 -14.38 12.13
C ARG B 267 -6.22 -13.40 13.33
N GLU B 268 -5.18 -13.41 14.18
CA GLU B 268 -5.09 -12.52 15.34
C GLU B 268 -5.01 -11.04 14.95
N VAL B 269 -4.19 -10.72 13.96
CA VAL B 269 -4.06 -9.34 13.48
C VAL B 269 -5.42 -8.84 13.00
N PHE B 270 -6.10 -9.65 12.19
CA PHE B 270 -7.43 -9.26 11.70
C PHE B 270 -8.42 -9.01 12.86
N ASP B 271 -8.40 -9.92 13.84
CA ASP B 271 -9.26 -9.75 15.03
C ASP B 271 -8.99 -8.41 15.76
N GLU B 272 -7.71 -8.05 15.92
CA GLU B 272 -7.36 -6.76 16.52
C GLU B 272 -7.81 -5.56 15.68
N ILE B 273 -7.69 -5.68 14.37
CA ILE B 273 -8.22 -4.62 13.50
C ILE B 273 -9.73 -4.40 13.67
N ILE B 274 -10.52 -5.47 13.64
CA ILE B 274 -11.98 -5.37 13.86
C ILE B 274 -12.30 -4.77 15.27
N ALA B 275 -11.48 -5.12 16.23
CA ALA B 275 -11.60 -4.62 17.60
C ALA B 275 -11.33 -3.10 17.74
N GLU B 276 -10.71 -2.50 16.73
CA GLU B 276 -10.48 -1.05 16.70
C GLU B 276 -11.71 -0.26 16.26
N TYR B 277 -12.70 -0.94 15.70
CA TYR B 277 -13.94 -0.23 15.38
C TYR B 277 -14.52 0.32 16.69
N GLN B 278 -15.11 1.50 16.61
CA GLN B 278 -15.64 2.15 17.79
C GLN B 278 -17.12 2.19 17.59
N ASP B 279 -17.86 1.80 18.63
CA ASP B 279 -19.30 1.86 18.55
C ASP B 279 -19.79 3.30 18.71
N TYR B 280 -19.53 4.09 17.66
CA TYR B 280 -19.85 5.52 17.65
C TYR B 280 -21.32 5.72 17.53
N PRO B 281 -21.80 6.89 18.00
CA PRO B 281 -23.21 7.25 17.83
C PRO B 281 -23.55 7.53 16.38
N LYS B 282 -24.80 7.29 16.00
CA LYS B 282 -25.28 7.65 14.67
C LYS B 282 -25.18 9.16 14.40
N ASP B 283 -24.34 9.54 13.44
CA ASP B 283 -24.22 10.93 13.05
C ASP B 283 -25.30 11.25 12.04
N PRO B 284 -25.50 12.54 11.71
CA PRO B 284 -26.56 12.92 10.75
C PRO B 284 -26.30 12.33 9.33
N GLY B 285 -27.28 11.60 8.81
CA GLY B 285 -27.19 10.97 7.49
C GLY B 285 -26.82 9.50 7.55
N TYR B 286 -26.50 9.05 8.76
CA TYR B 286 -26.11 7.67 9.02
C TYR B 286 -27.01 6.61 8.37
N ASP B 287 -28.33 6.74 8.53
CA ASP B 287 -29.25 5.75 7.99
C ASP B 287 -29.18 5.61 6.46
N GLN B 288 -29.24 6.73 5.74
CA GLN B 288 -29.09 6.73 4.29
C GLN B 288 -27.71 6.21 3.87
N ARG B 289 -26.66 6.78 4.45
CA ARG B 289 -25.28 6.39 4.14
C ARG B 289 -25.03 4.89 4.30
N VAL B 290 -25.51 4.30 5.37
CA VAL B 290 -25.29 2.87 5.64
C VAL B 290 -26.13 1.99 4.68
N ALA B 291 -27.29 2.50 4.26
CA ALA B 291 -28.13 1.81 3.27
C ALA B 291 -27.39 1.73 1.94
N PHE B 292 -26.79 2.85 1.56
CA PHE B 292 -25.97 2.93 0.37
C PHE B 292 -24.74 2.01 0.44
N GLU B 293 -24.04 2.01 1.57
CA GLU B 293 -22.87 1.14 1.73
C GLU B 293 -23.20 -0.36 1.65
N LYS B 294 -24.36 -0.77 2.20
CA LYS B 294 -24.82 -2.15 2.08
C LYS B 294 -25.02 -2.49 0.60
N PHE B 295 -25.48 -1.52 -0.16
CA PHE B 295 -25.64 -1.68 -1.60
C PHE B 295 -24.32 -1.93 -2.35
N ARG B 296 -23.33 -1.04 -2.18
CA ARG B 296 -22.06 -1.26 -2.85
C ARG B 296 -21.32 -2.47 -2.29
N ALA B 297 -21.50 -2.77 -1.01
CA ALA B 297 -20.93 -3.98 -0.43
C ALA B 297 -21.49 -5.20 -1.14
N ASP B 298 -22.77 -5.13 -1.52
CA ASP B 298 -23.47 -6.28 -2.12
C ASP B 298 -22.91 -6.61 -3.48
N SER B 299 -22.86 -5.60 -4.33
CA SER B 299 -22.10 -5.63 -5.56
C SER B 299 -20.64 -6.18 -5.35
N PHE B 300 -19.86 -5.57 -4.46
CA PHE B 300 -18.51 -6.08 -4.22
C PHE B 300 -18.47 -7.55 -3.79
N ALA B 301 -19.35 -7.94 -2.87
CA ALA B 301 -19.45 -9.34 -2.41
C ALA B 301 -19.76 -10.32 -3.56
N GLU B 302 -20.58 -9.84 -4.50
CA GLU B 302 -20.93 -10.55 -5.72
C GLU B 302 -19.72 -10.74 -6.63
N ALA B 303 -18.98 -9.66 -6.90
CA ALA B 303 -17.71 -9.75 -7.66
C ALA B 303 -16.71 -10.77 -7.06
N ARG B 304 -16.59 -10.78 -5.72
CA ARG B 304 -15.72 -11.72 -5.01
C ARG B 304 -16.22 -13.17 -5.13
N ARG B 305 -17.53 -13.37 -4.96
CA ARG B 305 -18.12 -14.71 -5.13
C ARG B 305 -17.89 -15.25 -6.56
N GLN B 306 -18.09 -14.41 -7.58
CA GLN B 306 -17.76 -14.75 -8.98
C GLN B 306 -16.28 -15.13 -9.13
N SER B 307 -15.41 -14.33 -8.53
CA SER B 307 -13.97 -14.60 -8.50
C SER B 307 -13.61 -15.98 -7.91
N ARG B 308 -14.33 -16.42 -6.89
CA ARG B 308 -13.97 -17.67 -6.18
C ARG B 308 -14.39 -18.98 -6.87
#